data_7KPO
#
_entry.id   7KPO
#
_cell.length_a   51.912
_cell.length_b   78.606
_cell.length_c   72.372
_cell.angle_alpha   90.000
_cell.angle_beta   90.000
_cell.angle_gamma   90.000
#
_symmetry.space_group_name_H-M   'C 2 2 21'
#
loop_
_entity.id
_entity.type
_entity.pdbx_description
1 polymer 'Response regulator'
2 non-polymer 'SULFATE ION'
3 non-polymer DI(HYDROXYETHYL)ETHER
4 non-polymer 'FORMIC ACID'
5 water water
#
_entity_poly.entity_id   1
_entity_poly.type   'polypeptide(L)'
_entity_poly.pdbx_seq_one_letter_code
;GSSKQDL(MSE)RAVLVEA(MSE)TSALNYWERVSGQSKFTFAEQSGLWRVYLDRSTLQTRTLDKYLRIETLPKTPRWRT
VLNSLDYILEHCKEAGPERTHIE(MSE)QRDKLQKLLTSE
;
_entity_poly.pdbx_strand_id   A
#
loop_
_chem_comp.id
_chem_comp.type
_chem_comp.name
_chem_comp.formula
FMT non-polymer 'FORMIC ACID' 'C H2 O2'
PEG non-polymer DI(HYDROXYETHYL)ETHER 'C4 H10 O3'
SO4 non-polymer 'SULFATE ION' 'O4 S -2'
#
# COMPACT_ATOMS: atom_id res chain seq x y z
N GLY A 1 -16.79 -11.28 -10.48
CA GLY A 1 -17.82 -11.59 -9.45
C GLY A 1 -17.37 -11.23 -8.04
N SER A 2 -18.13 -11.66 -7.03
CA SER A 2 -17.82 -11.35 -5.60
C SER A 2 -16.44 -11.88 -5.22
N SER A 3 -16.06 -13.07 -5.68
CA SER A 3 -14.74 -13.67 -5.37
C SER A 3 -13.62 -12.75 -5.87
N LYS A 4 -13.74 -12.30 -7.11
CA LYS A 4 -12.68 -11.42 -7.68
C LYS A 4 -12.60 -10.11 -6.88
N GLN A 5 -13.75 -9.52 -6.57
CA GLN A 5 -13.76 -8.25 -5.81
C GLN A 5 -13.14 -8.45 -4.42
N ASP A 6 -13.45 -9.55 -3.75
CA ASP A 6 -12.88 -9.80 -2.40
C ASP A 6 -11.38 -10.10 -2.52
N LEU A 7 -10.97 -10.78 -3.59
CA LEU A 7 -9.54 -11.07 -3.78
C LEU A 7 -8.77 -9.76 -3.97
N MSE A 8 -9.31 -8.87 -4.80
N MSE A 8 -9.32 -8.86 -4.78
CA MSE A 8 -8.67 -7.59 -5.05
CA MSE A 8 -8.64 -7.60 -5.03
C MSE A 8 -8.46 -6.83 -3.73
C MSE A 8 -8.47 -6.81 -3.73
O MSE A 8 -7.40 -6.25 -3.50
O MSE A 8 -7.42 -6.19 -3.53
CB MSE A 8 -9.50 -6.78 -6.04
CB MSE A 8 -9.43 -6.80 -6.07
CG MSE A 8 -9.46 -7.34 -7.45
CG MSE A 8 -9.13 -7.21 -7.49
SE MSE A 8 -10.82 -6.55 -8.61
SE MSE A 8 -9.78 -5.91 -8.78
CE MSE A 8 -10.52 -4.63 -8.31
CE MSE A 8 -11.42 -5.13 -8.02
N ARG A 9 -9.48 -6.83 -2.87
CA ARG A 9 -9.42 -6.13 -1.60
C ARG A 9 -8.36 -6.79 -0.69
N ALA A 10 -8.33 -8.11 -0.64
CA ALA A 10 -7.33 -8.83 0.18
C ALA A 10 -5.92 -8.53 -0.33
N VAL A 11 -5.72 -8.54 -1.64
CA VAL A 11 -4.37 -8.27 -2.21
C VAL A 11 -3.99 -6.81 -1.92
N LEU A 12 -4.96 -5.89 -2.00
N LEU A 12 -4.95 -5.89 -2.04
CA LEU A 12 -4.66 -4.45 -1.76
CA LEU A 12 -4.65 -4.46 -1.74
C LEU A 12 -4.13 -4.27 -0.33
C LEU A 12 -4.07 -4.33 -0.33
N VAL A 13 -4.74 -4.93 0.65
CA VAL A 13 -4.29 -4.80 2.07
C VAL A 13 -2.90 -5.42 2.22
N GLU A 14 -2.70 -6.62 1.66
N GLU A 14 -2.69 -6.60 1.63
CA GLU A 14 -1.38 -7.30 1.71
CA GLU A 14 -1.39 -7.30 1.76
C GLU A 14 -0.32 -6.40 1.07
C GLU A 14 -0.30 -6.47 1.04
N ALA A 15 -0.62 -5.86 -0.10
CA ALA A 15 0.36 -5.02 -0.83
C ALA A 15 0.72 -3.75 -0.06
N MSE A 16 -0.29 -3.07 0.49
N MSE A 16 -0.28 -3.05 0.49
CA MSE A 16 -0.07 -1.83 1.19
CA MSE A 16 -0.03 -1.78 1.17
C MSE A 16 0.73 -2.05 2.47
C MSE A 16 0.69 -2.00 2.50
O MSE A 16 1.70 -1.34 2.73
O MSE A 16 1.57 -1.22 2.84
CB MSE A 16 -1.40 -1.15 1.52
CB MSE A 16 -1.34 -0.99 1.34
CG MSE A 16 -2.04 -0.50 0.33
CG MSE A 16 -1.17 0.47 1.75
SE MSE A 16 -0.86 0.84 -0.47
SE MSE A 16 -0.42 1.69 0.37
CE MSE A 16 -0.76 2.40 0.70
CE MSE A 16 1.40 2.08 1.01
N THR A 17 0.32 -3.04 3.27
CA THR A 17 1.01 -3.32 4.51
C THR A 17 2.45 -3.72 4.23
N SER A 18 2.64 -4.59 3.23
N SER A 18 2.66 -4.60 3.24
CA SER A 18 4.00 -5.06 2.85
CA SER A 18 4.05 -5.06 2.92
C SER A 18 4.85 -3.85 2.43
C SER A 18 4.88 -3.88 2.40
N ALA A 19 4.29 -3.00 1.59
CA ALA A 19 5.04 -1.84 1.07
C ALA A 19 5.42 -0.90 2.21
N LEU A 20 4.50 -0.64 3.14
CA LEU A 20 4.82 0.30 4.25
C LEU A 20 5.88 -0.31 5.17
N ASN A 21 5.81 -1.62 5.43
CA ASN A 21 6.83 -2.24 6.30
C ASN A 21 8.21 -2.11 5.65
N TYR A 22 8.26 -2.30 4.32
CA TYR A 22 9.52 -2.20 3.56
C TYR A 22 10.02 -0.74 3.58
N TRP A 23 9.13 0.21 3.31
CA TRP A 23 9.47 1.65 3.38
C TRP A 23 10.11 1.98 4.73
N GLU A 24 9.44 1.58 5.82
CA GLU A 24 9.91 1.92 7.18
C GLU A 24 11.31 1.34 7.41
N ARG A 25 11.52 0.07 7.06
CA ARG A 25 12.84 -0.57 7.32
C ARG A 25 13.94 0.01 6.42
N VAL A 26 13.69 0.12 5.12
CA VAL A 26 14.76 0.53 4.17
C VAL A 26 15.02 2.05 4.25
N SER A 27 13.98 2.88 4.29
CA SER A 27 14.19 4.35 4.33
C SER A 27 14.57 4.83 5.75
N GLY A 28 14.20 4.06 6.78
CA GLY A 28 14.39 4.49 8.17
C GLY A 28 13.44 5.62 8.54
N GLN A 29 12.47 5.89 7.67
N GLN A 29 12.46 5.87 7.68
CA GLN A 29 11.45 6.96 7.89
CA GLN A 29 11.46 6.96 7.88
C GLN A 29 10.12 6.31 8.31
C GLN A 29 10.09 6.35 8.20
N SER A 30 9.22 7.12 8.87
CA SER A 30 7.91 6.63 9.34
C SER A 30 6.87 6.54 8.21
N LYS A 31 5.74 5.90 8.52
CA LYS A 31 4.57 5.86 7.63
C LYS A 31 4.11 7.30 7.41
N PHE A 32 4.10 8.08 8.49
CA PHE A 32 3.70 9.51 8.40
C PHE A 32 4.54 10.20 7.31
N THR A 33 5.85 9.96 7.32
CA THR A 33 6.81 10.59 6.37
C THR A 33 6.53 10.11 4.95
N PHE A 34 6.23 8.83 4.78
CA PHE A 34 5.86 8.37 3.42
C PHE A 34 4.68 9.22 2.90
N ALA A 35 3.65 9.39 3.72
CA ALA A 35 2.45 10.15 3.30
C ALA A 35 2.79 11.61 3.03
N GLU A 36 3.50 12.21 3.97
CA GLU A 36 3.83 13.64 3.89
C GLU A 36 4.77 13.93 2.71
N GLN A 37 5.83 13.14 2.58
CA GLN A 37 6.83 13.41 1.52
C GLN A 37 6.24 13.10 0.13
N SER A 38 5.51 12.00 0.01
CA SER A 38 4.93 11.61 -1.31
C SER A 38 3.75 12.51 -1.69
N GLY A 39 3.04 13.03 -0.69
CA GLY A 39 1.81 13.80 -0.92
C GLY A 39 0.65 12.91 -1.35
N LEU A 40 0.81 11.58 -1.24
CA LEU A 40 -0.26 10.67 -1.74
C LEU A 40 -1.39 10.50 -0.72
N TRP A 41 -1.13 10.78 0.56
CA TRP A 41 -2.15 10.59 1.62
C TRP A 41 -2.13 11.80 2.54
N ARG A 42 -3.31 12.18 3.02
CA ARG A 42 -3.46 13.36 3.88
C ARG A 42 -3.15 13.04 5.35
N VAL A 43 -2.73 14.10 6.03
CA VAL A 43 -2.42 14.09 7.49
C VAL A 43 -3.57 14.82 8.18
N TYR A 44 -4.02 14.26 9.30
CA TYR A 44 -5.17 14.83 10.06
C TYR A 44 -4.80 14.94 11.53
N LEU A 45 -5.47 15.85 12.24
CA LEU A 45 -5.34 16.04 13.71
C LEU A 45 -6.49 15.29 14.39
N ASP A 46 -6.22 14.09 14.90
CA ASP A 46 -7.22 13.24 15.58
C ASP A 46 -6.76 12.95 17.01
N ARG A 47 -7.66 13.08 17.99
CA ARG A 47 -7.30 12.75 19.40
C ARG A 47 -6.08 13.59 19.81
N SER A 48 -5.94 14.79 19.21
CA SER A 48 -4.81 15.73 19.47
C SER A 48 -3.49 15.08 19.07
N THR A 49 -3.42 14.50 17.87
CA THR A 49 -2.19 13.82 17.35
C THR A 49 -2.26 13.74 15.82
N LEU A 50 -1.13 13.95 15.12
CA LEU A 50 -1.11 13.86 13.64
C LEU A 50 -1.24 12.39 13.23
N GLN A 51 -2.17 12.10 12.32
CA GLN A 51 -2.40 10.70 11.87
C GLN A 51 -2.68 10.65 10.38
N THR A 52 -2.23 9.58 9.72
CA THR A 52 -2.55 9.32 8.29
C THR A 52 -3.87 8.54 8.33
N ARG A 53 -4.93 9.24 8.75
CA ARG A 53 -6.26 8.62 9.01
CA ARG A 53 -6.28 8.66 8.99
C ARG A 53 -6.76 7.76 7.85
N THR A 54 -6.75 8.27 6.62
CA THR A 54 -7.31 7.45 5.52
C THR A 54 -6.35 6.30 5.15
N LEU A 55 -5.05 6.59 5.02
CA LEU A 55 -4.07 5.53 4.71
C LEU A 55 -4.22 4.38 5.71
N ASP A 56 -4.40 4.71 6.99
CA ASP A 56 -4.48 3.65 8.04
C ASP A 56 -5.63 2.68 7.75
N LYS A 57 -6.69 3.14 7.11
CA LYS A 57 -7.85 2.26 6.82
C LYS A 57 -7.46 1.16 5.83
N TYR A 58 -6.42 1.37 5.05
CA TYR A 58 -6.00 0.41 4.00
C TYR A 58 -5.11 -0.69 4.57
N LEU A 59 -4.86 -0.68 5.87
CA LEU A 59 -3.89 -1.65 6.46
C LEU A 59 -4.62 -2.82 7.12
N ARG A 60 -5.95 -2.83 7.09
CA ARG A 60 -6.76 -3.93 7.66
C ARG A 60 -7.95 -4.16 6.73
N ILE A 61 -8.30 -5.40 6.46
CA ILE A 61 -9.46 -5.66 5.58
C ILE A 61 -10.74 -5.12 6.24
N GLU A 62 -10.82 -5.11 7.57
CA GLU A 62 -12.04 -4.66 8.29
C GLU A 62 -12.32 -3.17 8.06
N THR A 63 -11.28 -2.38 7.80
CA THR A 63 -11.44 -0.91 7.69
C THR A 63 -11.28 -0.42 6.24
N LEU A 64 -10.90 -1.30 5.32
CA LEU A 64 -10.68 -0.86 3.92
C LEU A 64 -11.95 -0.19 3.41
N PRO A 65 -11.87 1.04 2.83
CA PRO A 65 -13.07 1.71 2.34
C PRO A 65 -13.88 0.90 1.32
N LYS A 66 -15.18 1.16 1.30
CA LYS A 66 -16.09 0.51 0.33
C LYS A 66 -15.60 0.81 -1.08
N THR A 67 -15.08 2.03 -1.28
CA THR A 67 -14.54 2.50 -2.59
C THR A 67 -13.05 2.74 -2.43
N PRO A 68 -12.19 1.71 -2.62
CA PRO A 68 -10.74 1.92 -2.51
C PRO A 68 -10.22 2.79 -3.67
N ARG A 69 -9.22 3.61 -3.38
CA ARG A 69 -8.55 4.42 -4.43
C ARG A 69 -7.41 3.56 -5.00
N TRP A 70 -7.75 2.64 -5.90
CA TRP A 70 -6.78 1.69 -6.49
C TRP A 70 -5.56 2.40 -7.08
N ARG A 71 -5.77 3.49 -7.82
CA ARG A 71 -4.63 4.19 -8.46
C ARG A 71 -3.72 4.80 -7.39
N THR A 72 -4.31 5.32 -6.31
CA THR A 72 -3.49 5.92 -5.23
C THR A 72 -2.66 4.81 -4.57
N VAL A 73 -3.25 3.62 -4.40
CA VAL A 73 -2.47 2.48 -3.83
C VAL A 73 -1.35 2.11 -4.81
N LEU A 74 -1.66 1.97 -6.11
CA LEU A 74 -0.57 1.60 -7.06
C LEU A 74 0.50 2.70 -7.07
N ASN A 75 0.11 3.97 -6.97
CA ASN A 75 1.11 5.08 -6.93
C ASN A 75 1.95 4.96 -5.67
N SER A 76 1.35 4.50 -4.57
CA SER A 76 2.06 4.30 -3.29
C SER A 76 3.11 3.19 -3.44
N LEU A 77 2.71 2.05 -4.02
CA LEU A 77 3.68 0.95 -4.24
C LEU A 77 4.81 1.45 -5.14
N ASP A 78 4.48 2.20 -6.19
CA ASP A 78 5.52 2.72 -7.14
C ASP A 78 6.45 3.70 -6.41
N TYR A 79 5.90 4.57 -5.57
CA TYR A 79 6.72 5.57 -4.84
C TYR A 79 7.71 4.86 -3.92
N ILE A 80 7.20 3.89 -3.16
CA ILE A 80 8.06 3.14 -2.21
C ILE A 80 9.15 2.39 -2.98
N LEU A 81 8.80 1.74 -4.09
CA LEU A 81 9.81 0.98 -4.88
C LEU A 81 10.80 1.96 -5.54
N GLU A 82 10.35 3.18 -5.88
CA GLU A 82 11.23 4.20 -6.51
CA GLU A 82 11.24 4.19 -6.50
C GLU A 82 12.30 4.65 -5.51
N HIS A 83 11.92 4.79 -4.24
CA HIS A 83 12.83 5.32 -3.19
C HIS A 83 13.54 4.24 -2.38
N CYS A 84 13.07 3.00 -2.42
CA CYS A 84 13.65 1.88 -1.63
C CYS A 84 14.06 0.79 -2.62
N LYS A 85 15.37 0.58 -2.78
CA LYS A 85 15.88 -0.34 -3.84
C LYS A 85 16.38 -1.68 -3.29
N GLU A 86 16.61 -1.81 -1.99
CA GLU A 86 17.22 -3.03 -1.40
C GLU A 86 16.58 -4.29 -1.99
N ALA A 87 17.34 -5.01 -2.83
CA ALA A 87 16.84 -6.24 -3.49
C ALA A 87 16.74 -7.35 -2.47
N GLY A 88 15.74 -8.21 -2.64
CA GLY A 88 15.57 -9.33 -1.71
C GLY A 88 14.14 -9.82 -1.73
N PRO A 89 13.83 -10.87 -0.95
N PRO A 89 13.82 -10.86 -0.92
CA PRO A 89 12.48 -11.42 -0.90
CA PRO A 89 12.48 -11.43 -0.90
C PRO A 89 11.39 -10.40 -0.54
C PRO A 89 11.38 -10.44 -0.52
N GLU A 90 11.67 -9.50 0.40
CA GLU A 90 10.66 -8.51 0.82
C GLU A 90 10.27 -7.63 -0.37
N ARG A 91 11.27 -7.14 -1.11
CA ARG A 91 10.99 -6.28 -2.29
C ARG A 91 10.28 -7.09 -3.38
N THR A 92 10.76 -8.31 -3.64
CA THR A 92 10.15 -9.15 -4.69
C THR A 92 8.66 -9.37 -4.37
N HIS A 93 8.34 -9.59 -3.10
CA HIS A 93 6.94 -9.82 -2.69
C HIS A 93 6.07 -8.61 -3.07
N ILE A 94 6.57 -7.40 -2.81
CA ILE A 94 5.80 -6.17 -3.15
C ILE A 94 5.62 -6.10 -4.68
N GLU A 95 6.68 -6.37 -5.43
CA GLU A 95 6.58 -6.33 -6.91
CA GLU A 95 6.58 -6.33 -6.91
C GLU A 95 5.55 -7.34 -7.39
N MSE A 96 5.55 -8.54 -6.80
CA MSE A 96 4.63 -9.59 -7.20
C MSE A 96 3.18 -9.18 -6.87
O MSE A 96 2.29 -9.42 -7.67
CB MSE A 96 5.05 -10.91 -6.55
CG MSE A 96 6.38 -11.45 -7.08
SE MSE A 96 6.24 -12.16 -8.89
CE MSE A 96 5.19 -13.80 -8.69
N GLN A 97 2.97 -8.57 -5.71
CA GLN A 97 1.62 -8.16 -5.33
CA GLN A 97 1.62 -8.14 -5.32
C GLN A 97 1.16 -7.01 -6.24
N ARG A 98 2.08 -6.11 -6.61
CA ARG A 98 1.73 -5.00 -7.54
C ARG A 98 1.25 -5.61 -8.87
N ASP A 99 2.00 -6.58 -9.39
CA ASP A 99 1.62 -7.21 -10.69
C ASP A 99 0.28 -7.93 -10.55
N LYS A 100 0.05 -8.57 -9.41
N LYS A 100 0.07 -8.61 -9.42
CA LYS A 100 -1.23 -9.29 -9.19
CA LYS A 100 -1.18 -9.37 -9.15
C LYS A 100 -2.38 -8.28 -9.24
C LYS A 100 -2.37 -8.41 -9.16
N LEU A 101 -2.28 -7.18 -8.49
N LEU A 101 -2.19 -7.23 -8.57
CA LEU A 101 -3.33 -6.15 -8.48
CA LEU A 101 -3.30 -6.24 -8.48
C LEU A 101 -3.57 -5.65 -9.91
C LEU A 101 -3.55 -5.61 -9.86
N GLN A 102 -2.50 -5.30 -10.61
CA GLN A 102 -2.65 -4.75 -11.98
C GLN A 102 -3.42 -5.73 -12.88
N LYS A 103 -3.07 -7.02 -12.82
N LYS A 103 -3.05 -7.02 -12.80
CA LYS A 103 -3.74 -8.05 -13.66
CA LYS A 103 -3.71 -8.07 -13.62
C LYS A 103 -5.20 -8.18 -13.25
C LYS A 103 -5.20 -8.15 -13.25
N LEU A 104 -5.51 -8.12 -11.95
CA LEU A 104 -6.92 -8.22 -11.52
C LEU A 104 -7.71 -7.01 -12.02
N LEU A 105 -7.11 -5.82 -11.94
CA LEU A 105 -7.83 -4.59 -12.38
C LEU A 105 -8.04 -4.58 -13.90
N THR A 106 -7.20 -5.28 -14.68
CA THR A 106 -7.33 -5.22 -16.16
C THR A 106 -7.95 -6.49 -16.75
N SER A 107 -8.34 -7.46 -15.91
CA SER A 107 -8.96 -8.71 -16.41
C SER A 107 -10.48 -8.54 -16.46
S SO4 B . -7.67 7.95 -7.54
O1 SO4 B . -7.02 9.10 -8.11
O2 SO4 B . -6.70 7.07 -6.95
O3 SO4 B . -8.37 7.25 -8.59
O4 SO4 B . -8.61 8.35 -6.54
S SO4 C . -17.55 -16.20 -7.75
S SO4 C . -17.78 -16.11 -7.97
O1 SO4 C . -16.89 -16.07 -9.02
O1 SO4 C . -18.71 -16.42 -6.92
O2 SO4 C . -16.77 -17.05 -6.88
O2 SO4 C . -16.54 -16.85 -7.76
O3 SO4 C . -17.67 -14.90 -7.15
O3 SO4 C . -18.33 -16.47 -9.24
O4 SO4 C . -18.86 -16.75 -7.94
O4 SO4 C . -17.48 -14.70 -7.95
S SO4 D . 10.69 -0.75 -9.72
O1 SO4 D . 11.77 -0.77 -10.69
O2 SO4 D . 10.59 -2.05 -9.09
O3 SO4 D . 9.46 -0.45 -10.39
O4 SO4 D . 10.97 0.26 -8.73
S SO4 E . -7.24 11.99 -13.66
O1 SO4 E . -8.09 11.83 -14.82
O2 SO4 E . -6.06 11.19 -13.83
O3 SO4 E . -6.86 13.37 -13.52
O4 SO4 E . -7.95 11.55 -12.49
C1 PEG F . -15.85 5.02 1.62
O1 PEG F . -15.50 4.37 0.43
C2 PEG F . -16.85 4.25 2.42
O2 PEG F . -16.19 3.20 3.13
C3 PEG F . -16.00 3.49 4.51
C4 PEG F . -14.86 4.46 4.68
O4 PEG F . -14.40 4.52 6.03
C FMT G . -7.90 17.88 10.20
O1 FMT G . -7.08 17.55 11.04
O2 FMT G . -7.65 18.08 8.95
C FMT H . -6.84 11.04 2.13
O1 FMT H . -5.76 10.56 2.42
O2 FMT H . -7.76 11.44 2.98
#